data_4JF2
#
_entry.id   4JF2
#
_cell.length_a   58.036
_cell.length_b   85.972
_cell.length_c   98.120
_cell.angle_alpha   90.000
_cell.angle_beta   90.000
_cell.angle_gamma   90.000
#
_symmetry.space_group_name_H-M   'C 2 2 21'
#
loop_
_entity.id
_entity.type
_entity.pdbx_description
1 polymer 'PreQ1-II Riboswitch'
2 non-polymer 7-DEAZA-7-AMINOMETHYL-GUANINE
3 non-polymer 'CESIUM ION'
4 non-polymer 'MAGNESIUM ION'
5 water water
#
_entity_poly.entity_id   1
_entity_poly.type   'polyribonucleotide'
_entity_poly.pdbx_seq_one_letter_code
;(GTP)GAACCGCGAAAGCGGUUCCACGACGAUACUUAUUUCCUUUGAUCGUCGUUAUUACUGGCUUCGGCCACAAAGGAG
A
;
_entity_poly.pdbx_strand_id   A
#